data_3SI5
#
_entry.id   3SI5
#
_cell.length_a   124.398
_cell.length_b   40.143
_cell.length_c   75.391
_cell.angle_alpha   90.00
_cell.angle_beta   91.38
_cell.angle_gamma   90.00
#
_symmetry.space_group_name_H-M   'C 1 2 1'
#
loop_
_entity.id
_entity.type
_entity.pdbx_description
1 polymer 'Mitotic checkpoint serine/threonine-protein kinase BUB1 beta'
2 polymer 'Protein CASC5'
3 water water
#
loop_
_entity_poly.entity_id
_entity_poly.type
_entity_poly.pdbx_seq_one_letter_code
_entity_poly.pdbx_strand_id
1 'polypeptide(L)'
;TGSTGSTGSTGSQQKRAFEYEIRFYTGNDPLDVWDRYISWTEQNYPQGGKESNMSTLLERAVEALQGEKRYYSDPRFLNL
WLKLGRLCNEPLDMYSYLHNQGIGVSLAQFYISWAEEYEARENFRKADAIFQEGIQQKAEPLERLQSQHRQFQARVSRQT
LLALEKEEEEEVFESS
;
A,B
2 'polypeptide(L)' GPLGSSSENKIDFNDFIKRLKTGK X,Y
#
# COMPACT_ATOMS: atom_id res chain seq x y z
N THR A 10 4.63 34.09 12.44
CA THR A 10 4.10 33.64 13.76
C THR A 10 4.07 32.12 13.80
N GLY A 11 3.45 31.52 12.77
CA GLY A 11 3.65 30.10 12.44
C GLY A 11 5.12 29.95 12.05
N SER A 12 5.54 30.80 11.10
CA SER A 12 6.92 30.88 10.66
C SER A 12 7.87 31.03 11.86
N GLN A 13 7.52 31.90 12.79
CA GLN A 13 8.36 32.23 13.93
C GLN A 13 8.50 31.07 14.92
N GLN A 14 7.40 30.38 15.17
CA GLN A 14 7.42 29.24 16.05
C GLN A 14 8.23 28.10 15.44
N LYS A 15 8.05 27.85 14.15
CA LYS A 15 8.83 26.81 13.49
C LYS A 15 10.32 27.10 13.58
N ARG A 16 10.71 28.35 13.30
CA ARG A 16 12.11 28.74 13.39
C ARG A 16 12.66 28.53 14.81
N ALA A 17 11.84 28.86 15.82
CA ALA A 17 12.22 28.71 17.22
C ALA A 17 12.51 27.25 17.58
N PHE A 18 11.64 26.36 17.11
CA PHE A 18 11.87 24.93 17.25
C PHE A 18 13.15 24.46 16.56
N GLU A 19 13.38 24.97 15.35
CA GLU A 19 14.56 24.54 14.59
C GLU A 19 15.85 24.93 15.29
N TYR A 20 15.89 26.16 15.79
CA TYR A 20 16.99 26.63 16.62
C TYR A 20 17.11 25.84 17.93
N GLU A 21 15.97 25.50 18.55
CA GLU A 21 16.04 24.71 19.78
C GLU A 21 16.65 23.33 19.54
N ILE A 22 16.31 22.68 18.43
CA ILE A 22 16.93 21.42 18.09
C ILE A 22 18.48 21.55 18.14
N ARG A 23 18.99 22.63 17.55
CA ARG A 23 20.42 22.89 17.50
C ARG A 23 21.03 23.28 18.85
N PHE A 24 20.39 24.20 19.56
CA PHE A 24 21.02 24.77 20.74
C PHE A 24 20.62 24.11 22.09
N TYR A 25 19.67 23.18 22.07
CA TYR A 25 19.23 22.49 23.30
C TYR A 25 20.41 22.06 24.21
N THR A 26 20.34 22.40 25.49
CA THR A 26 21.44 22.20 26.44
C THR A 26 21.14 21.08 27.44
N GLY A 27 19.90 20.59 27.45
CA GLY A 27 19.47 19.53 28.35
C GLY A 27 19.92 18.14 27.91
N ASN A 28 19.34 17.13 28.53
CA ASN A 28 19.76 15.75 28.35
C ASN A 28 18.62 14.85 27.84
N ASP A 29 17.50 15.49 27.51
CA ASP A 29 16.32 14.80 26.99
C ASP A 29 15.90 15.39 25.61
N PRO A 30 16.70 15.14 24.54
CA PRO A 30 16.37 15.77 23.24
C PRO A 30 14.98 15.40 22.68
N LEU A 31 14.41 14.28 23.12
CA LEU A 31 13.07 13.87 22.71
C LEU A 31 12.03 14.93 23.06
N ASP A 32 12.30 15.69 24.12
CA ASP A 32 11.40 16.73 24.55
C ASP A 32 11.19 17.78 23.48
N VAL A 33 12.28 18.21 22.85
CA VAL A 33 12.20 19.22 21.76
C VAL A 33 11.36 18.72 20.58
N TRP A 34 11.64 17.50 20.16
CA TRP A 34 10.93 16.89 19.05
C TRP A 34 9.45 16.68 19.40
N ASP A 35 9.21 16.16 20.61
CA ASP A 35 7.87 15.91 21.10
C ASP A 35 7.02 17.20 21.14
N ARG A 36 7.59 18.31 21.60
CA ARG A 36 6.89 19.59 21.61
C ARG A 36 6.68 20.17 20.21
N TYR A 37 7.67 19.97 19.33
CA TYR A 37 7.62 20.43 17.96
C TYR A 37 6.54 19.63 17.22
N ILE A 38 6.49 18.32 17.45
CA ILE A 38 5.47 17.49 16.79
C ILE A 38 4.05 17.85 17.26
N SER A 39 3.89 18.10 18.56
CA SER A 39 2.56 18.36 19.10
C SER A 39 2.06 19.77 18.78
N TRP A 40 2.98 20.74 18.71
CA TRP A 40 2.66 22.07 18.20
C TRP A 40 2.19 21.96 16.75
N THR A 41 2.84 21.09 15.98
CA THR A 41 2.53 20.91 14.59
C THR A 41 1.14 20.30 14.38
N GLU A 42 0.74 19.34 15.21
CA GLU A 42 -0.61 18.81 15.08
C GLU A 42 -1.64 19.76 15.69
N GLN A 43 -1.28 20.47 16.75
CA GLN A 43 -2.14 21.53 17.28
C GLN A 43 -2.44 22.59 16.21
N ASN A 44 -1.43 22.93 15.39
CA ASN A 44 -1.58 24.00 14.41
C ASN A 44 -1.93 23.57 13.00
N TYR A 45 -1.85 22.28 12.72
CA TYR A 45 -2.25 21.77 11.41
C TYR A 45 -3.11 20.52 11.63
N PRO A 46 -4.28 20.72 12.28
CA PRO A 46 -5.15 19.66 12.79
C PRO A 46 -5.61 18.66 11.75
N GLN A 47 -5.72 19.10 10.50
CA GLN A 47 -6.06 18.23 9.38
C GLN A 47 -4.89 18.14 8.42
N GLY A 48 -3.67 18.17 8.95
CA GLY A 48 -2.46 18.10 8.13
C GLY A 48 -2.35 19.24 7.14
N GLY A 49 -1.77 18.93 5.98
CA GLY A 49 -1.42 19.94 4.97
C GLY A 49 0.05 19.79 4.60
N LYS A 50 0.42 20.24 3.41
CA LYS A 50 1.82 20.19 2.96
C LYS A 50 2.68 21.13 3.79
N GLU A 51 2.05 22.21 4.28
CA GLU A 51 2.71 23.23 5.08
C GLU A 51 2.99 22.81 6.52
N SER A 52 2.39 21.70 6.96
CA SER A 52 2.65 21.15 8.29
C SER A 52 4.07 20.61 8.44
N ASN A 53 4.63 20.11 7.34
CA ASN A 53 5.91 19.38 7.33
C ASN A 53 5.94 18.11 8.19
N MET A 54 4.78 17.60 8.57
CA MET A 54 4.71 16.46 9.53
C MET A 54 5.57 15.25 9.16
N SER A 55 5.33 14.67 7.98
CA SER A 55 6.01 13.43 7.61
C SER A 55 7.54 13.60 7.61
N THR A 56 8.02 14.72 7.10
CA THR A 56 9.45 15.00 7.16
C THR A 56 9.97 15.25 8.59
N LEU A 57 9.20 15.95 9.41
CA LEU A 57 9.50 16.10 10.84
C LEU A 57 9.63 14.80 11.57
N LEU A 58 8.65 13.90 11.36
CA LEU A 58 8.73 12.54 11.91
C LEU A 58 9.98 11.79 11.45
N GLU A 59 10.27 11.83 10.16
CA GLU A 59 11.47 11.18 9.65
C GLU A 59 12.72 11.75 10.32
N ARG A 60 12.75 13.06 10.49
CA ARG A 60 13.93 13.72 11.09
C ARG A 60 14.10 13.37 12.54
N ALA A 61 12.97 13.25 13.24
CA ALA A 61 12.97 12.98 14.67
C ALA A 61 13.50 11.55 14.92
N VAL A 62 12.99 10.61 14.13
CA VAL A 62 13.43 9.22 14.23
C VAL A 62 14.91 9.14 13.87
N GLU A 63 15.28 9.81 12.81
CA GLU A 63 16.65 9.77 12.35
C GLU A 63 17.60 10.28 13.44
N ALA A 64 17.20 11.33 14.15
CA ALA A 64 18.08 11.89 15.21
C ALA A 64 18.17 10.98 16.44
N LEU A 65 17.06 10.35 16.81
CA LEU A 65 17.00 9.54 18.05
C LEU A 65 17.10 8.03 17.86
N GLN A 66 17.24 7.58 16.60
CA GLN A 66 17.37 6.15 16.25
C GLN A 66 18.42 5.43 17.12
N GLY A 67 18.07 4.25 17.61
CA GLY A 67 18.99 3.44 18.42
C GLY A 67 19.24 3.96 19.83
N GLU A 68 18.53 4.99 20.26
CA GLU A 68 18.64 5.49 21.63
C GLU A 68 17.75 4.66 22.56
N LYS A 69 18.31 3.57 23.10
CA LYS A 69 17.54 2.54 23.81
C LYS A 69 16.93 3.01 25.12
N ARG A 70 17.54 4.04 25.71
CA ARG A 70 16.98 4.76 26.86
C ARG A 70 15.55 5.21 26.57
N TYR A 71 15.23 5.39 25.29
CA TYR A 71 13.88 5.83 24.87
C TYR A 71 12.94 4.71 24.43
N TYR A 72 13.43 3.47 24.37
CA TYR A 72 12.63 2.36 23.80
C TYR A 72 11.31 2.11 24.54
N SER A 73 11.26 2.54 25.78
CA SER A 73 10.06 2.45 26.59
C SER A 73 9.39 3.80 26.86
N ASP A 74 9.83 4.85 26.17
CA ASP A 74 9.23 6.17 26.37
C ASP A 74 8.03 6.31 25.43
N PRO A 75 6.85 6.66 25.98
CA PRO A 75 5.67 6.85 25.11
C PRO A 75 5.77 7.98 24.06
N ARG A 76 6.65 8.96 24.25
CA ARG A 76 6.83 10.04 23.26
C ARG A 76 7.63 9.50 22.07
N PHE A 77 8.49 8.53 22.34
CA PHE A 77 9.26 7.87 21.30
C PHE A 77 8.33 7.01 20.45
N LEU A 78 7.55 6.17 21.13
CA LEU A 78 6.56 5.30 20.50
C LEU A 78 5.70 6.14 19.59
N ASN A 79 5.17 7.23 20.15
CA ASN A 79 4.39 8.20 19.42
C ASN A 79 5.00 8.61 18.07
N LEU A 80 6.28 8.96 18.03
CA LEU A 80 6.91 9.32 16.76
C LEU A 80 6.73 8.24 15.70
N TRP A 81 7.02 6.99 16.10
CA TRP A 81 6.88 5.85 15.23
C TRP A 81 5.45 5.59 14.80
N LEU A 82 4.49 5.73 15.72
CA LEU A 82 3.09 5.45 15.42
C LEU A 82 2.58 6.49 14.42
N LYS A 83 2.90 7.75 14.71
CA LYS A 83 2.56 8.83 13.78
C LYS A 83 3.21 8.58 12.42
N LEU A 84 4.48 8.19 12.41
CA LEU A 84 5.15 7.91 11.15
C LEU A 84 4.46 6.76 10.41
N GLY A 85 4.11 5.70 11.13
CA GLY A 85 3.52 4.50 10.56
C GLY A 85 2.23 4.76 9.79
N ARG A 86 1.39 5.62 10.36
CA ARG A 86 0.15 6.04 9.72
C ARG A 86 0.35 6.76 8.37
N LEU A 87 1.58 7.16 8.06
CA LEU A 87 1.89 7.86 6.80
C LEU A 87 2.63 6.96 5.84
N CYS A 88 2.72 5.68 6.20
CA CYS A 88 3.37 4.70 5.34
C CYS A 88 2.35 3.94 4.54
N ASN A 89 2.79 3.47 3.38
CA ASN A 89 1.99 2.67 2.50
C ASN A 89 1.53 1.37 3.18
N GLU A 90 2.40 0.81 4.02
CA GLU A 90 2.09 -0.42 4.71
C GLU A 90 2.48 -0.23 6.18
N PRO A 91 1.55 0.29 7.00
CA PRO A 91 1.78 0.46 8.44
C PRO A 91 2.23 -0.81 9.19
N LEU A 92 1.84 -2.00 8.72
CA LEU A 92 2.32 -3.24 9.35
C LEU A 92 3.86 -3.36 9.36
N ASP A 93 4.52 -2.85 8.32
CA ASP A 93 5.99 -2.86 8.30
C ASP A 93 6.58 -2.13 9.52
N MET A 94 5.95 -1.03 9.91
CA MET A 94 6.41 -0.27 11.08
C MET A 94 6.14 -1.01 12.39
N TYR A 95 4.92 -1.53 12.57
CA TYR A 95 4.60 -2.32 13.78
C TYR A 95 5.55 -3.48 14.02
N SER A 96 5.83 -4.23 12.94
CA SER A 96 6.71 -5.40 13.03
C SER A 96 8.13 -4.99 13.31
N TYR A 97 8.52 -3.83 12.77
CA TYR A 97 9.83 -3.27 13.02
C TYR A 97 10.03 -2.97 14.51
N LEU A 98 9.12 -2.19 15.09
CA LEU A 98 9.14 -1.88 16.52
C LEU A 98 9.21 -3.17 17.33
N HIS A 99 8.38 -4.13 16.95
CA HIS A 99 8.34 -5.44 17.59
C HIS A 99 9.70 -6.15 17.52
N ASN A 100 10.33 -6.21 16.35
CA ASN A 100 11.68 -6.81 16.20
C ASN A 100 12.74 -6.11 17.05
N GLN A 101 12.66 -4.78 17.10
CA GLN A 101 13.65 -3.95 17.80
C GLN A 101 13.38 -3.81 19.29
N GLY A 102 12.23 -4.27 19.76
CA GLY A 102 11.83 -4.02 21.14
C GLY A 102 11.43 -2.58 21.48
N ILE A 103 10.93 -1.83 20.51
CA ILE A 103 10.47 -0.45 20.79
C ILE A 103 9.00 -0.46 21.20
N GLY A 104 8.69 0.03 22.39
CA GLY A 104 7.28 0.15 22.79
C GLY A 104 6.61 -1.14 23.22
N VAL A 105 7.36 -2.24 23.27
CA VAL A 105 6.81 -3.58 23.56
C VAL A 105 6.33 -3.77 25.00
N SER A 106 6.70 -2.86 25.89
CA SER A 106 6.18 -2.84 27.27
C SER A 106 4.99 -1.87 27.44
N LEU A 107 4.59 -1.20 26.34
CA LEU A 107 3.44 -0.27 26.38
C LEU A 107 2.17 -0.82 25.73
N ALA A 108 1.06 -0.73 26.46
CA ALA A 108 -0.27 -1.13 25.99
C ALA A 108 -0.64 -0.44 24.68
N GLN A 109 -0.29 0.83 24.58
CA GLN A 109 -0.59 1.63 23.40
C GLN A 109 -0.04 1.02 22.11
N PHE A 110 1.16 0.44 22.18
CA PHE A 110 1.74 -0.23 21.04
C PHE A 110 0.78 -1.31 20.53
N TYR A 111 0.35 -2.19 21.44
CA TYR A 111 -0.50 -3.31 21.07
C TYR A 111 -1.86 -2.86 20.61
N ILE A 112 -2.38 -1.80 21.24
CA ILE A 112 -3.68 -1.25 20.89
C ILE A 112 -3.67 -0.72 19.45
N SER A 113 -2.68 0.11 19.12
CA SER A 113 -2.56 0.63 17.77
C SER A 113 -2.27 -0.47 16.76
N TRP A 114 -1.43 -1.42 17.14
CA TRP A 114 -1.11 -2.54 16.26
C TRP A 114 -2.38 -3.33 15.99
N ALA A 115 -3.07 -3.70 17.05
CA ALA A 115 -4.33 -4.42 16.93
C ALA A 115 -5.35 -3.62 16.12
N GLU A 116 -5.33 -2.29 16.23
CA GLU A 116 -6.31 -1.45 15.52
C GLU A 116 -6.12 -1.46 14.00
N GLU A 117 -4.87 -1.49 13.57
CA GLU A 117 -4.54 -1.61 12.16
C GLU A 117 -5.07 -2.92 11.54
N TYR A 118 -4.93 -4.02 12.26
CA TYR A 118 -5.49 -5.33 11.81
C TYR A 118 -7.02 -5.30 11.80
N GLU A 119 -7.62 -4.66 12.82
CA GLU A 119 -9.07 -4.55 12.94
C GLU A 119 -9.64 -3.73 11.79
N ALA A 120 -8.95 -2.64 11.42
CA ALA A 120 -9.34 -1.79 10.30
C ALA A 120 -9.35 -2.49 8.93
N ARG A 121 -8.57 -3.56 8.80
CA ARG A 121 -8.52 -4.38 7.59
C ARG A 121 -9.48 -5.55 7.72
N GLU A 122 -10.18 -5.62 8.86
CA GLU A 122 -11.05 -6.74 9.23
C GLU A 122 -10.30 -8.08 9.39
N ASN A 123 -9.04 -7.98 9.81
CA ASN A 123 -8.29 -9.18 10.14
C ASN A 123 -8.43 -9.32 11.64
N PHE A 124 -9.61 -9.75 12.08
CA PHE A 124 -9.96 -9.82 13.49
C PHE A 124 -9.14 -10.85 14.23
N ARG A 125 -8.79 -11.95 13.56
CA ARG A 125 -8.02 -13.02 14.20
CA ARG A 125 -8.01 -13.02 14.18
C ARG A 125 -6.61 -12.51 14.59
N LYS A 126 -5.92 -11.82 13.69
CA LYS A 126 -4.61 -11.25 14.03
C LYS A 126 -4.70 -10.05 14.99
N ALA A 127 -5.76 -9.25 14.87
CA ALA A 127 -6.00 -8.24 15.87
C ALA A 127 -6.08 -8.89 17.24
N ASP A 128 -6.85 -9.99 17.35
CA ASP A 128 -6.97 -10.67 18.65
C ASP A 128 -5.63 -11.18 19.16
N ALA A 129 -4.82 -11.76 18.27
CA ALA A 129 -3.51 -12.28 18.66
C ALA A 129 -2.60 -11.18 19.20
N ILE A 130 -2.74 -9.96 18.67
CA ILE A 130 -1.91 -8.84 19.11
C ILE A 130 -2.27 -8.45 20.54
N PHE A 131 -3.57 -8.25 20.79
CA PHE A 131 -4.07 -8.12 22.14
C PHE A 131 -3.53 -9.23 23.09
N GLN A 132 -3.64 -10.49 22.69
CA GLN A 132 -3.23 -11.62 23.54
CA GLN A 132 -3.24 -11.63 23.53
C GLN A 132 -1.74 -11.55 23.93
N GLU A 133 -0.90 -11.09 23.00
CA GLU A 133 0.52 -10.95 23.26
C GLU A 133 0.78 -9.79 24.23
N GLY A 134 0.21 -8.62 23.93
CA GLY A 134 0.25 -7.48 24.85
C GLY A 134 -0.12 -7.85 26.28
N ILE A 135 -1.19 -8.62 26.43
CA ILE A 135 -1.69 -9.06 27.72
C ILE A 135 -0.71 -10.03 28.41
N GLN A 136 -0.17 -11.01 27.66
CA GLN A 136 0.81 -11.97 28.19
CA GLN A 136 0.77 -11.95 28.25
C GLN A 136 2.06 -11.23 28.68
N GLN A 137 2.49 -10.22 27.91
CA GLN A 137 3.64 -9.38 28.27
C GLN A 137 3.33 -8.40 29.41
N LYS A 138 2.08 -8.38 29.86
CA LYS A 138 1.61 -7.42 30.88
C LYS A 138 1.99 -5.98 30.53
N ALA A 139 1.85 -5.64 29.25
CA ALA A 139 2.13 -4.31 28.77
C ALA A 139 1.28 -3.26 29.51
N GLU A 140 1.84 -2.06 29.68
CA GLU A 140 1.32 -1.09 30.62
C GLU A 140 0.61 0.10 29.96
N PRO A 141 -0.53 0.53 30.53
CA PRO A 141 -1.27 0.00 31.69
C PRO A 141 -2.09 -1.23 31.30
N LEU A 142 -1.95 -2.30 32.08
CA LEU A 142 -2.58 -3.56 31.73
C LEU A 142 -4.11 -3.52 31.75
N GLU A 143 -4.68 -2.78 32.70
CA GLU A 143 -6.14 -2.68 32.79
C GLU A 143 -6.75 -1.93 31.62
N ARG A 144 -6.05 -0.91 31.13
CA ARG A 144 -6.47 -0.22 29.91
C ARG A 144 -6.41 -1.17 28.70
N LEU A 145 -5.32 -1.95 28.62
CA LEU A 145 -5.14 -2.92 27.57
C LEU A 145 -6.27 -3.95 27.61
N GLN A 146 -6.59 -4.47 28.79
CA GLN A 146 -7.62 -5.51 28.90
C GLN A 146 -9.00 -4.92 28.59
N SER A 147 -9.25 -3.71 29.05
CA SER A 147 -10.51 -3.03 28.75
C SER A 147 -10.62 -2.88 27.24
N GLN A 148 -9.54 -2.38 26.62
CA GLN A 148 -9.52 -2.18 25.17
C GLN A 148 -9.77 -3.50 24.43
N HIS A 149 -9.15 -4.58 24.91
CA HIS A 149 -9.41 -5.93 24.36
C HIS A 149 -10.88 -6.33 24.43
N ARG A 150 -11.52 -6.08 25.58
CA ARG A 150 -12.90 -6.46 25.76
C ARG A 150 -13.81 -5.75 24.77
N GLN A 151 -13.54 -4.47 24.51
CA GLN A 151 -14.36 -3.67 23.61
C GLN A 151 -14.07 -4.01 22.15
N PHE A 152 -12.85 -4.45 21.84
CA PHE A 152 -12.55 -5.00 20.53
C PHE A 152 -13.42 -6.24 20.30
N GLN A 153 -13.55 -7.08 21.33
CA GLN A 153 -14.37 -8.27 21.23
C GLN A 153 -15.84 -7.92 21.01
N ALA A 154 -16.30 -6.85 21.66
CA ALA A 154 -17.71 -6.46 21.54
C ALA A 154 -17.95 -5.93 20.14
N ARG A 155 -16.96 -5.23 19.59
CA ARG A 155 -17.15 -4.71 18.22
C ARG A 155 -17.27 -5.86 17.23
N VAL A 156 -16.47 -6.90 17.39
CA VAL A 156 -16.52 -8.05 16.49
C VAL A 156 -17.89 -8.72 16.58
N SER A 157 -18.33 -8.99 17.80
CA SER A 157 -19.65 -9.59 18.06
C SER A 157 -20.78 -8.79 17.38
N ARG A 158 -20.73 -7.47 17.55
CA ARG A 158 -21.71 -6.56 16.96
C ARG A 158 -21.74 -6.71 15.43
N GLN A 159 -20.59 -6.93 14.84
CA GLN A 159 -20.49 -7.06 13.39
C GLN A 159 -20.82 -8.46 12.86
N THR A 160 -21.20 -9.39 13.73
CA THR A 160 -21.48 -10.77 13.28
C THR A 160 -22.87 -11.27 13.68
N LEU A 161 -23.67 -10.39 14.28
CA LEU A 161 -25.05 -10.71 14.58
C LEU A 161 -25.96 -10.62 13.32
N GLY B 11 11.47 -16.69 -35.89
CA GLY B 11 12.05 -16.44 -34.55
C GLY B 11 12.42 -14.97 -34.45
N SER B 12 13.64 -14.64 -34.87
CA SER B 12 14.06 -13.25 -35.07
C SER B 12 13.27 -12.64 -36.24
N GLN B 13 12.88 -13.48 -37.20
CA GLN B 13 12.06 -13.05 -38.35
C GLN B 13 10.58 -12.80 -38.00
N GLN B 14 10.06 -13.56 -37.04
CA GLN B 14 8.69 -13.37 -36.57
C GLN B 14 8.59 -12.11 -35.71
N LYS B 15 9.56 -11.94 -34.81
CA LYS B 15 9.74 -10.72 -34.06
C LYS B 15 9.75 -9.51 -34.99
N ARG B 16 10.63 -9.55 -35.99
CA ARG B 16 10.78 -8.47 -36.96
CA ARG B 16 10.76 -8.46 -36.95
C ARG B 16 9.46 -8.21 -37.69
N ALA B 17 8.78 -9.30 -38.08
CA ALA B 17 7.49 -9.22 -38.75
C ALA B 17 6.51 -8.43 -37.89
N PHE B 18 6.49 -8.70 -36.58
CA PHE B 18 5.64 -7.97 -35.63
C PHE B 18 6.02 -6.50 -35.49
N GLU B 19 7.33 -6.24 -35.42
CA GLU B 19 7.84 -4.87 -35.41
C GLU B 19 7.42 -4.07 -36.62
N TYR B 20 7.46 -4.71 -37.80
CA TYR B 20 7.07 -4.06 -39.05
C TYR B 20 5.56 -3.85 -39.06
N GLU B 21 4.84 -4.86 -38.56
CA GLU B 21 3.39 -4.76 -38.56
C GLU B 21 2.93 -3.58 -37.70
N ILE B 22 3.60 -3.39 -36.56
CA ILE B 22 3.32 -2.25 -35.70
C ILE B 22 3.61 -0.92 -36.37
N ARG B 23 4.78 -0.83 -36.99
CA ARG B 23 5.27 0.42 -37.54
C ARG B 23 4.45 0.84 -38.76
N PHE B 24 4.05 -0.14 -39.56
CA PHE B 24 3.42 0.10 -40.87
C PHE B 24 1.96 -0.36 -40.90
N TYR B 25 1.37 -0.56 -39.72
CA TYR B 25 0.01 -1.06 -39.62
C TYR B 25 -1.00 -0.36 -40.50
N THR B 26 -1.71 -1.12 -41.31
CA THR B 26 -2.69 -0.56 -42.21
C THR B 26 -4.13 -0.77 -41.73
N GLY B 27 -4.30 -1.51 -40.64
CA GLY B 27 -5.64 -1.88 -40.17
C GLY B 27 -6.35 -0.86 -39.30
N ASN B 28 -7.47 -1.24 -38.70
CA ASN B 28 -8.28 -0.35 -37.85
CA ASN B 28 -8.19 -0.30 -37.83
C ASN B 28 -8.27 -0.72 -36.36
N ASP B 29 -7.33 -1.58 -35.94
CA ASP B 29 -7.32 -2.10 -34.57
C ASP B 29 -5.90 -2.40 -34.08
N PRO B 30 -5.14 -1.36 -33.72
CA PRO B 30 -3.76 -1.51 -33.26
C PRO B 30 -3.59 -2.50 -32.07
N LEU B 31 -4.56 -2.56 -31.15
CA LEU B 31 -4.56 -3.52 -30.03
C LEU B 31 -4.38 -4.99 -30.48
N ASP B 32 -5.01 -5.33 -31.59
CA ASP B 32 -4.84 -6.64 -32.25
C ASP B 32 -3.37 -7.03 -32.47
N VAL B 33 -2.59 -6.13 -33.04
CA VAL B 33 -1.17 -6.40 -33.32
C VAL B 33 -0.37 -6.61 -32.02
N TRP B 34 -0.55 -5.73 -31.05
CA TRP B 34 0.12 -5.86 -29.75
C TRP B 34 -0.34 -7.15 -29.05
N ASP B 35 -1.64 -7.43 -29.12
CA ASP B 35 -2.19 -8.66 -28.54
C ASP B 35 -1.48 -9.89 -29.10
N ARG B 36 -1.40 -9.98 -30.43
CA ARG B 36 -0.80 -11.14 -31.08
C ARG B 36 0.71 -11.24 -30.78
N TYR B 37 1.37 -10.10 -30.67
CA TYR B 37 2.80 -10.01 -30.36
C TYR B 37 3.11 -10.44 -28.92
N ILE B 38 2.27 -10.02 -27.97
CA ILE B 38 2.40 -10.47 -26.58
C ILE B 38 2.16 -11.97 -26.48
N SER B 39 1.13 -12.46 -27.18
CA SER B 39 0.82 -13.89 -27.19
C SER B 39 1.98 -14.72 -27.73
N TRP B 40 2.47 -14.34 -28.90
CA TRP B 40 3.59 -15.01 -29.50
C TRP B 40 4.78 -15.03 -28.51
N THR B 41 5.04 -13.91 -27.85
CA THR B 41 6.10 -13.82 -26.85
C THR B 41 5.95 -14.83 -25.68
N GLU B 42 4.74 -14.97 -25.12
CA GLU B 42 4.50 -15.94 -24.04
C GLU B 42 4.80 -17.36 -24.52
N GLN B 43 4.39 -17.64 -25.76
CA GLN B 43 4.46 -18.97 -26.36
C GLN B 43 5.88 -19.41 -26.72
N ASN B 44 6.71 -18.45 -27.12
CA ASN B 44 8.09 -18.73 -27.46
C ASN B 44 9.03 -18.55 -26.27
N TYR B 45 8.50 -18.01 -25.18
CA TYR B 45 9.27 -17.84 -23.95
C TYR B 45 8.41 -18.13 -22.70
N PRO B 46 8.05 -19.41 -22.49
CA PRO B 46 7.15 -19.88 -21.41
C PRO B 46 7.40 -19.23 -20.03
N GLN B 47 8.65 -19.00 -19.69
CA GLN B 47 8.99 -18.11 -18.59
C GLN B 47 9.96 -17.09 -19.13
N GLY B 48 9.68 -15.82 -18.88
CA GLY B 48 10.51 -14.77 -19.47
C GLY B 48 11.05 -13.78 -18.47
N GLY B 49 12.27 -14.02 -18.02
CA GLY B 49 13.02 -12.99 -17.31
C GLY B 49 13.45 -11.95 -18.34
N LYS B 50 14.72 -11.59 -18.29
CA LYS B 50 15.24 -10.56 -19.18
C LYS B 50 15.23 -10.99 -20.65
N GLU B 51 15.05 -12.29 -20.89
CA GLU B 51 15.27 -12.89 -22.21
C GLU B 51 14.18 -12.60 -23.23
N SER B 52 12.92 -12.76 -22.82
CA SER B 52 11.77 -12.57 -23.71
C SER B 52 11.45 -11.11 -24.04
N ASN B 53 12.10 -10.18 -23.33
CA ASN B 53 11.81 -8.73 -23.41
C ASN B 53 10.33 -8.38 -23.15
N MET B 54 9.66 -9.21 -22.34
CA MET B 54 8.21 -9.10 -22.13
C MET B 54 7.80 -7.79 -21.48
N SER B 55 8.48 -7.39 -20.40
CA SER B 55 8.10 -6.20 -19.65
C SER B 55 8.21 -4.93 -20.49
N THR B 56 9.25 -4.87 -21.33
CA THR B 56 9.46 -3.77 -22.28
C THR B 56 8.32 -3.74 -23.30
N LEU B 57 7.92 -4.92 -23.75
CA LEU B 57 6.86 -5.06 -24.70
C LEU B 57 5.51 -4.54 -24.15
N LEU B 58 5.22 -4.94 -22.92
CA LEU B 58 3.99 -4.57 -22.23
C LEU B 58 3.98 -3.05 -22.03
N GLU B 59 5.12 -2.49 -21.59
CA GLU B 59 5.31 -1.05 -21.49
C GLU B 59 5.10 -0.31 -22.80
N ARG B 60 5.65 -0.83 -23.88
CA ARG B 60 5.47 -0.23 -25.22
C ARG B 60 3.99 -0.28 -25.67
N ALA B 61 3.35 -1.43 -25.48
CA ALA B 61 1.95 -1.61 -25.87
C ALA B 61 1.08 -0.54 -25.21
N VAL B 62 1.26 -0.42 -23.89
CA VAL B 62 0.50 0.48 -23.04
C VAL B 62 0.81 1.94 -23.39
N GLU B 63 2.08 2.23 -23.68
CA GLU B 63 2.48 3.55 -24.17
C GLU B 63 1.78 3.90 -25.50
N ALA B 64 1.72 2.95 -26.43
CA ALA B 64 1.08 3.17 -27.72
C ALA B 64 -0.44 3.36 -27.61
N LEU B 65 -1.06 2.65 -26.68
CA LEU B 65 -2.52 2.56 -26.64
C LEU B 65 -3.11 3.44 -25.53
N GLN B 66 -2.22 4.25 -24.94
CA GLN B 66 -2.52 5.35 -24.01
C GLN B 66 -3.77 6.12 -24.36
N GLY B 67 -4.71 6.15 -23.43
CA GLY B 67 -5.90 7.00 -23.58
C GLY B 67 -6.73 6.71 -24.82
N GLU B 68 -6.68 5.48 -25.33
CA GLU B 68 -7.60 5.07 -26.39
C GLU B 68 -8.86 4.52 -25.76
N LYS B 69 -9.85 5.38 -25.55
CA LYS B 69 -11.04 5.01 -24.77
C LYS B 69 -11.91 3.97 -25.48
N ARG B 70 -11.75 3.89 -26.79
CA ARG B 70 -12.36 2.83 -27.58
C ARG B 70 -12.05 1.43 -26.96
N TYR B 71 -10.95 1.33 -26.22
CA TYR B 71 -10.44 0.05 -25.71
C TYR B 71 -10.76 -0.24 -24.25
N TYR B 72 -11.43 0.71 -23.59
CA TYR B 72 -11.54 0.67 -22.13
C TYR B 72 -12.35 -0.49 -21.60
N SER B 73 -13.22 -1.02 -22.44
CA SER B 73 -14.01 -2.22 -22.15
C SER B 73 -13.49 -3.48 -22.86
N ASP B 74 -12.32 -3.40 -23.48
CA ASP B 74 -11.80 -4.52 -24.29
C ASP B 74 -10.99 -5.49 -23.43
N PRO B 75 -11.43 -6.78 -23.37
CA PRO B 75 -10.68 -7.78 -22.58
C PRO B 75 -9.19 -7.89 -22.94
N ARG B 76 -8.82 -7.67 -24.20
CA ARG B 76 -7.39 -7.71 -24.60
C ARG B 76 -6.62 -6.52 -24.03
N PHE B 77 -7.32 -5.41 -23.82
CA PHE B 77 -6.71 -4.18 -23.25
C PHE B 77 -6.47 -4.37 -21.75
N LEU B 78 -7.51 -4.82 -21.04
CA LEU B 78 -7.37 -5.24 -19.63
C LEU B 78 -6.24 -6.26 -19.46
N ASN B 79 -6.17 -7.21 -20.39
CA ASN B 79 -5.10 -8.23 -20.36
C ASN B 79 -3.70 -7.63 -20.27
N LEU B 80 -3.40 -6.64 -21.10
CA LEU B 80 -2.13 -5.90 -21.06
C LEU B 80 -1.80 -5.35 -19.68
N TRP B 81 -2.75 -4.64 -19.12
CA TRP B 81 -2.61 -4.04 -17.81
C TRP B 81 -2.39 -5.09 -16.73
N LEU B 82 -3.25 -6.11 -16.70
CA LEU B 82 -3.09 -7.19 -15.73
C LEU B 82 -1.71 -7.85 -15.81
N LYS B 83 -1.22 -8.10 -17.03
CA LYS B 83 0.13 -8.62 -17.21
C LYS B 83 1.22 -7.63 -16.76
N LEU B 84 1.09 -6.36 -17.13
CA LEU B 84 2.03 -5.33 -16.66
C LEU B 84 2.04 -5.26 -15.12
N GLY B 85 0.85 -5.39 -14.52
CA GLY B 85 0.69 -5.41 -13.06
C GLY B 85 1.53 -6.46 -12.35
N ARG B 86 1.61 -7.66 -12.93
CA ARG B 86 2.39 -8.77 -12.36
C ARG B 86 3.87 -8.44 -12.25
N LEU B 87 4.29 -7.41 -12.97
CA LEU B 87 5.70 -7.07 -13.04
C LEU B 87 6.02 -5.78 -12.30
N CYS B 88 5.01 -5.19 -11.67
CA CYS B 88 5.20 -3.99 -10.85
C CYS B 88 5.55 -4.37 -9.42
N ASN B 89 6.24 -3.48 -8.71
CA ASN B 89 6.54 -3.67 -7.29
CA ASN B 89 6.53 -3.71 -7.30
C ASN B 89 5.29 -3.54 -6.43
N GLU B 90 4.40 -2.61 -6.83
CA GLU B 90 3.11 -2.43 -6.16
C GLU B 90 1.96 -2.57 -7.18
N PRO B 91 1.44 -3.80 -7.38
CA PRO B 91 0.36 -3.98 -8.35
C PRO B 91 -0.88 -3.17 -8.01
N LEU B 92 -1.10 -2.86 -6.73
CA LEU B 92 -2.25 -2.04 -6.31
C LEU B 92 -2.31 -0.64 -6.93
N ASP B 93 -1.14 -0.07 -7.30
CA ASP B 93 -1.15 1.24 -7.97
C ASP B 93 -1.75 1.10 -9.38
N MET B 94 -1.37 0.03 -10.05
CA MET B 94 -1.95 -0.31 -11.35
C MET B 94 -3.48 -0.41 -11.24
N TYR B 95 -3.98 -1.21 -10.30
CA TYR B 95 -5.43 -1.36 -10.15
C TYR B 95 -6.15 -0.04 -9.87
N SER B 96 -5.54 0.79 -9.03
CA SER B 96 -6.13 2.10 -8.69
C SER B 96 -6.19 3.01 -9.91
N TYR B 97 -5.07 3.06 -10.64
CA TYR B 97 -5.02 3.74 -11.93
C TYR B 97 -6.16 3.35 -12.88
N LEU B 98 -6.29 2.06 -13.18
CA LEU B 98 -7.37 1.57 -14.03
C LEU B 98 -8.73 2.10 -13.57
N HIS B 99 -8.99 1.96 -12.27
CA HIS B 99 -10.24 2.37 -11.66
C HIS B 99 -10.49 3.84 -11.89
N ASN B 100 -9.48 4.64 -11.59
CA ASN B 100 -9.53 6.08 -11.80
C ASN B 100 -9.76 6.47 -13.25
N GLN B 101 -9.11 5.76 -14.17
CA GLN B 101 -9.25 6.03 -15.60
C GLN B 101 -10.53 5.49 -16.23
N GLY B 102 -11.21 4.57 -15.55
CA GLY B 102 -12.39 3.92 -16.11
C GLY B 102 -12.04 2.77 -17.04
N ILE B 103 -10.85 2.20 -16.87
CA ILE B 103 -10.42 1.07 -17.68
C ILE B 103 -10.84 -0.25 -17.02
N GLY B 104 -11.60 -1.05 -17.75
CA GLY B 104 -11.96 -2.38 -17.29
C GLY B 104 -13.07 -2.40 -16.25
N VAL B 105 -13.70 -1.25 -16.03
CA VAL B 105 -14.73 -1.16 -14.98
C VAL B 105 -16.03 -1.93 -15.26
N SER B 106 -16.24 -2.31 -16.51
CA SER B 106 -17.40 -3.15 -16.85
C SER B 106 -17.02 -4.63 -16.86
N LEU B 107 -15.78 -4.93 -16.48
CA LEU B 107 -15.23 -6.30 -16.59
C LEU B 107 -14.98 -6.99 -15.25
N ALA B 108 -15.61 -8.15 -15.04
CA ALA B 108 -15.53 -8.86 -13.76
C ALA B 108 -14.10 -9.26 -13.37
N GLN B 109 -13.31 -9.65 -14.36
CA GLN B 109 -11.91 -10.04 -14.15
C GLN B 109 -11.09 -8.94 -13.50
N PHE B 110 -11.38 -7.69 -13.85
CA PHE B 110 -10.76 -6.54 -13.22
C PHE B 110 -10.95 -6.57 -11.70
N TYR B 111 -12.20 -6.71 -11.28
CA TYR B 111 -12.53 -6.73 -9.85
C TYR B 111 -12.02 -7.98 -9.13
N ILE B 112 -12.07 -9.14 -9.81
CA ILE B 112 -11.58 -10.38 -9.21
C ILE B 112 -10.08 -10.27 -8.91
N SER B 113 -9.28 -9.86 -9.89
CA SER B 113 -7.82 -9.76 -9.73
C SER B 113 -7.45 -8.77 -8.65
N TRP B 114 -8.14 -7.63 -8.63
CA TRP B 114 -7.89 -6.56 -7.68
C TRP B 114 -8.23 -6.98 -6.25
N ALA B 115 -9.46 -7.42 -6.06
CA ALA B 115 -9.89 -7.99 -4.79
C ALA B 115 -8.91 -9.07 -4.28
N GLU B 116 -8.46 -9.94 -5.17
CA GLU B 116 -7.55 -11.02 -4.78
C GLU B 116 -6.20 -10.48 -4.32
N GLU B 117 -5.77 -9.37 -4.91
CA GLU B 117 -4.55 -8.74 -4.48
C GLU B 117 -4.72 -8.21 -3.05
N TYR B 118 -5.82 -7.52 -2.77
CA TYR B 118 -6.09 -7.06 -1.41
C TYR B 118 -6.21 -8.21 -0.41
N GLU B 119 -6.86 -9.29 -0.83
CA GLU B 119 -7.02 -10.49 0.02
C GLU B 119 -5.68 -11.13 0.39
N ALA B 120 -4.79 -11.24 -0.58
CA ALA B 120 -3.47 -11.81 -0.34
C ALA B 120 -2.69 -10.96 0.67
N ARG B 121 -2.85 -9.63 0.58
CA ARG B 121 -2.29 -8.70 1.60
C ARG B 121 -3.05 -8.69 2.92
N GLU B 122 -4.10 -9.49 3.03
CA GLU B 122 -4.92 -9.56 4.26
C GLU B 122 -5.53 -8.21 4.64
N ASN B 123 -5.97 -7.46 3.61
CA ASN B 123 -6.96 -6.41 3.77
C ASN B 123 -8.27 -6.93 3.19
N PHE B 124 -9.00 -7.66 4.04
CA PHE B 124 -10.25 -8.29 3.67
C PHE B 124 -11.35 -7.26 3.43
N ARG B 125 -11.29 -6.16 4.19
CA ARG B 125 -12.28 -5.10 4.09
C ARG B 125 -12.26 -4.45 2.70
N LYS B 126 -11.08 -4.07 2.22
CA LYS B 126 -10.96 -3.52 0.88
C LYS B 126 -11.27 -4.54 -0.20
N ALA B 127 -10.89 -5.80 0.00
CA ALA B 127 -11.22 -6.83 -0.99
C ALA B 127 -12.74 -6.93 -1.14
N ASP B 128 -13.45 -6.95 0.00
CA ASP B 128 -14.90 -7.05 -0.01
C ASP B 128 -15.54 -5.84 -0.70
N ALA B 129 -15.02 -4.65 -0.41
CA ALA B 129 -15.55 -3.44 -1.04
C ALA B 129 -15.35 -3.49 -2.55
N ILE B 130 -14.22 -4.04 -3.00
CA ILE B 130 -13.98 -4.21 -4.43
C ILE B 130 -14.97 -5.17 -5.10
N PHE B 131 -15.17 -6.35 -4.52
CA PHE B 131 -16.22 -7.25 -4.96
C PHE B 131 -17.56 -6.55 -5.05
N GLN B 132 -17.93 -5.84 -3.98
CA GLN B 132 -19.26 -5.22 -3.92
C GLN B 132 -19.42 -4.13 -5.01
N GLU B 133 -18.37 -3.36 -5.22
CA GLU B 133 -18.32 -2.35 -6.29
C GLU B 133 -18.47 -2.96 -7.70
N GLY B 134 -17.82 -4.10 -7.95
CA GLY B 134 -17.96 -4.79 -9.22
C GLY B 134 -19.37 -5.31 -9.46
N ILE B 135 -19.94 -5.92 -8.42
CA ILE B 135 -21.31 -6.45 -8.46
C ILE B 135 -22.28 -5.30 -8.75
N GLN B 136 -22.04 -4.16 -8.10
CA GLN B 136 -22.86 -2.97 -8.30
C GLN B 136 -22.69 -2.33 -9.68
N GLN B 137 -21.54 -2.52 -10.32
CA GLN B 137 -21.34 -1.99 -11.66
C GLN B 137 -21.84 -2.96 -12.73
N LYS B 138 -22.35 -4.11 -12.28
CA LYS B 138 -22.87 -5.14 -13.17
C LYS B 138 -21.79 -5.63 -14.15
N ALA B 139 -20.57 -5.83 -13.63
CA ALA B 139 -19.45 -6.26 -14.45
C ALA B 139 -19.61 -7.72 -14.86
N GLU B 140 -19.26 -8.02 -16.10
CA GLU B 140 -19.53 -9.34 -16.68
C GLU B 140 -18.26 -10.19 -16.74
N PRO B 141 -18.39 -11.53 -16.62
CA PRO B 141 -19.60 -12.31 -16.28
C PRO B 141 -20.09 -12.07 -14.83
N LEU B 142 -21.30 -11.54 -14.69
CA LEU B 142 -21.80 -11.06 -13.40
C LEU B 142 -22.07 -12.17 -12.39
N GLU B 143 -22.67 -13.27 -12.85
CA GLU B 143 -22.92 -14.42 -11.98
C GLU B 143 -21.61 -15.05 -11.49
N ARG B 144 -20.56 -14.98 -12.31
CA ARG B 144 -19.24 -15.47 -11.92
C ARG B 144 -18.57 -14.54 -10.88
N LEU B 145 -18.77 -13.24 -11.04
CA LEU B 145 -18.33 -12.26 -10.07
C LEU B 145 -18.99 -12.49 -8.69
N GLN B 146 -20.32 -12.59 -8.70
CA GLN B 146 -21.09 -12.82 -7.48
C GLN B 146 -20.67 -14.13 -6.80
N SER B 147 -20.48 -15.18 -7.59
CA SER B 147 -20.00 -16.46 -7.08
C SER B 147 -18.59 -16.39 -6.51
N GLN B 148 -17.71 -15.60 -7.15
CA GLN B 148 -16.36 -15.36 -6.64
C GLN B 148 -16.42 -14.58 -5.32
N HIS B 149 -17.36 -13.64 -5.23
CA HIS B 149 -17.60 -12.92 -3.99
C HIS B 149 -18.09 -13.85 -2.87
N ARG B 150 -19.05 -14.72 -3.17
CA ARG B 150 -19.52 -15.68 -2.16
C ARG B 150 -18.38 -16.55 -1.65
N GLN B 151 -17.51 -16.99 -2.55
CA GLN B 151 -16.40 -17.87 -2.18
C GLN B 151 -15.35 -17.14 -1.34
N PHE B 152 -15.14 -15.87 -1.67
CA PHE B 152 -14.29 -15.02 -0.86
C PHE B 152 -14.86 -14.88 0.56
N GLN B 153 -16.16 -14.63 0.68
CA GLN B 153 -16.81 -14.43 1.99
C GLN B 153 -16.66 -15.66 2.88
N ALA B 154 -16.67 -16.84 2.25
CA ALA B 154 -16.53 -18.12 2.94
C ALA B 154 -15.14 -18.33 3.54
N ARG B 155 -14.10 -17.95 2.80
CA ARG B 155 -12.71 -18.07 3.27
C ARG B 155 -12.46 -17.22 4.53
N VAL B 156 -13.03 -16.01 4.54
CA VAL B 156 -12.85 -15.08 5.65
C VAL B 156 -13.92 -15.23 6.75
N SER B 157 -14.68 -16.33 6.70
CA SER B 157 -15.70 -16.63 7.72
C SER B 157 -15.07 -16.65 9.10
N ARG B 158 -13.91 -17.29 9.17
CA ARG B 158 -13.22 -17.59 10.41
C ARG B 158 -12.85 -16.35 11.25
N GLN B 159 -12.94 -15.17 10.63
CA GLN B 159 -12.65 -13.90 11.28
C GLN B 159 -13.77 -13.53 12.27
N SER C 6 -3.52 4.94 -3.94
CA SER C 6 -2.26 5.19 -4.67
C SER C 6 -1.06 5.48 -3.73
N SER C 7 0.04 4.76 -3.96
CA SER C 7 1.33 4.95 -3.28
C SER C 7 1.83 6.41 -3.22
N GLU C 8 1.72 7.10 -4.35
CA GLU C 8 2.21 8.46 -4.55
C GLU C 8 2.94 9.10 -3.38
N ASN C 9 2.18 9.66 -2.43
CA ASN C 9 2.74 10.52 -1.38
C ASN C 9 3.08 9.87 -0.04
N LYS C 10 2.56 8.67 0.16
CA LYS C 10 2.85 7.85 1.33
C LYS C 10 4.34 7.52 1.43
N ILE C 11 4.82 7.34 2.65
CA ILE C 11 6.19 6.93 2.90
C ILE C 11 6.38 5.43 2.62
N ASP C 12 7.53 5.07 2.05
CA ASP C 12 7.95 3.68 1.93
C ASP C 12 8.78 3.32 3.17
N PHE C 13 8.19 2.56 4.08
CA PHE C 13 8.84 2.29 5.35
C PHE C 13 10.18 1.58 5.21
N ASN C 14 10.18 0.50 4.42
CA ASN C 14 11.40 -0.26 4.20
C ASN C 14 12.53 0.60 3.62
N ASP C 15 12.15 1.51 2.73
CA ASP C 15 13.09 2.46 2.11
C ASP C 15 13.66 3.45 3.14
N PHE C 16 12.78 3.92 4.03
CA PHE C 16 13.17 4.78 5.13
C PHE C 16 14.22 4.11 6.01
N ILE C 17 13.95 2.87 6.42
CA ILE C 17 14.85 2.10 7.28
C ILE C 17 16.20 1.86 6.59
N LYS C 18 16.15 1.56 5.30
CA LYS C 18 17.35 1.45 4.50
C LYS C 18 18.14 2.76 4.53
N ARG C 19 17.44 3.88 4.33
CA ARG C 19 18.04 5.21 4.33
C ARG C 19 18.73 5.54 5.65
N LEU C 20 18.08 5.24 6.77
CA LEU C 20 18.70 5.41 8.07
C LEU C 20 20.05 4.66 8.20
N LYS C 21 20.09 3.42 7.71
CA LYS C 21 21.32 2.61 7.79
C LYS C 21 22.45 3.17 6.91
N THR C 22 22.08 3.78 5.79
CA THR C 22 23.03 4.35 4.84
C THR C 22 23.91 5.47 5.45
N GLY C 23 23.42 6.12 6.51
CA GLY C 23 24.19 7.15 7.19
C GLY C 23 23.71 8.55 6.88
N LYS D 10 10.84 -5.56 -11.89
CA LYS D 10 11.34 -4.42 -11.05
C LYS D 10 10.57 -3.13 -11.29
N ILE D 11 9.50 -3.18 -12.09
CA ILE D 11 8.79 -1.98 -12.55
C ILE D 11 8.14 -1.17 -11.43
N ASP D 12 8.44 0.12 -11.43
CA ASP D 12 7.79 1.11 -10.57
C ASP D 12 6.66 1.72 -11.41
N PHE D 13 5.41 1.42 -11.03
CA PHE D 13 4.26 1.80 -11.86
C PHE D 13 4.01 3.30 -11.87
N ASN D 14 4.08 3.93 -10.69
CA ASN D 14 3.87 5.38 -10.57
C ASN D 14 4.81 6.15 -11.50
N ASP D 15 6.10 5.82 -11.41
CA ASP D 15 7.13 6.43 -12.26
C ASP D 15 6.86 6.20 -13.76
N PHE D 16 6.32 5.02 -14.08
CA PHE D 16 6.01 4.68 -15.49
C PHE D 16 4.93 5.57 -16.09
N ILE D 17 3.81 5.70 -15.37
CA ILE D 17 2.72 6.61 -15.77
C ILE D 17 3.20 8.07 -15.84
N LYS D 18 4.07 8.46 -14.91
CA LYS D 18 4.73 9.78 -14.92
C LYS D 18 5.56 10.01 -16.20
N ARG D 19 6.45 9.07 -16.49
CA ARG D 19 7.36 9.19 -17.65
C ARG D 19 6.61 9.23 -18.98
N LEU D 20 5.39 8.68 -19.01
CA LEU D 20 4.56 8.69 -20.21
C LEU D 20 3.87 10.04 -20.47
N LYS D 21 3.51 10.75 -19.40
CA LYS D 21 2.75 11.99 -19.51
C LYS D 21 3.64 13.19 -19.84
N THR D 22 4.55 13.52 -18.93
CA THR D 22 5.45 14.67 -19.10
C THR D 22 6.85 14.22 -19.52
#